data_3AVJ
#
_entry.id   3AVJ
#
_cell.length_a   71.015
_cell.length_b   71.015
_cell.length_c   67.018
_cell.angle_alpha   90.000
_cell.angle_beta   90.000
_cell.angle_gamma   120.000
#
_symmetry.space_group_name_H-M   'P 31'
#
loop_
_entity.id
_entity.type
_entity.pdbx_description
1 polymer Integrase
2 polymer 'LEDGF peptide'
3 non-polymer 'SULFATE ION'
4 non-polymer 'CHLORIDE ION'
5 non-polymer 'ACETIC ACID'
6 water water
#
loop_
_entity_poly.entity_id
_entity_poly.type
_entity_poly.pdbx_seq_one_letter_code
_entity_poly.pdbx_strand_id
1 'polypeptide(L)'
;MGSSHHHHHHSSGLVPRGSHMHGQVDSSPGIWQLDCTHLEGKVILVAVHVASGYIEAEVIPAETGQETAYFLLKLAGRWP
VKTVHTDNGSNFTSTTVKAACWWAGIKQEDGIPYNPQSQGVIESMNKELKKIIGQVRDQAEHLKTAVQMAVFIHNHKRKG
GIGGYSAGERIVDIIATDIQTKE
;
A,B
2 'polypeptide(L)' ALKIDNMD D,F
#
# COMPACT_ATOMS: atom_id res chain seq x y z
N SER A 28 -17.33 -11.31 4.20
N SER A 28 -17.01 -11.26 3.83
CA SER A 28 -16.42 -11.66 3.03
CA SER A 28 -15.66 -11.55 3.24
C SER A 28 -15.43 -10.54 2.60
C SER A 28 -15.08 -10.51 2.22
N PRO A 29 -15.89 -9.56 1.76
CA PRO A 29 -15.06 -8.59 1.08
C PRO A 29 -14.12 -7.80 2.07
N GLY A 30 -14.56 -7.61 3.31
CA GLY A 30 -13.78 -6.68 4.12
C GLY A 30 -12.89 -7.42 5.19
N ILE A 31 -12.68 -8.75 5.09
N ILE A 31 -12.67 -8.72 5.04
CA ILE A 31 -11.99 -9.48 6.17
CA ILE A 31 -11.99 -9.49 6.09
C ILE A 31 -10.54 -9.70 5.78
C ILE A 31 -10.52 -9.72 5.77
N TRP A 32 -9.65 -9.32 6.69
CA TRP A 32 -8.22 -9.49 6.53
C TRP A 32 -7.64 -10.23 7.73
N GLN A 33 -6.52 -10.90 7.52
CA GLN A 33 -5.81 -11.63 8.62
CA GLN A 33 -5.80 -11.68 8.57
C GLN A 33 -4.38 -11.16 8.63
N LEU A 34 -3.86 -10.86 9.83
N LEU A 34 -3.89 -10.89 9.83
CA LEU A 34 -2.44 -10.52 9.99
CA LEU A 34 -2.50 -10.51 10.01
C LEU A 34 -1.61 -11.76 10.17
C LEU A 34 -1.63 -11.75 10.17
N ASP A 35 -0.38 -11.67 9.74
CA ASP A 35 0.57 -12.82 9.78
C ASP A 35 1.97 -12.25 9.95
N CYS A 36 2.83 -12.82 10.80
CA CYS A 36 4.14 -12.22 11.01
C CYS A 36 5.06 -13.40 10.84
N THR A 37 6.06 -13.25 9.99
CA THR A 37 7.12 -14.23 9.79
C THR A 37 8.49 -13.64 9.89
N HIS A 38 9.51 -14.49 10.10
CA HIS A 38 10.86 -13.97 10.33
C HIS A 38 11.83 -14.34 9.22
N LEU A 39 12.67 -13.40 8.83
CA LEU A 39 13.78 -13.66 7.86
C LEU A 39 14.90 -12.70 8.07
N GLU A 40 16.17 -13.19 7.94
CA GLU A 40 17.33 -12.29 8.03
C GLU A 40 17.42 -11.51 9.32
N GLY A 41 16.86 -12.06 10.40
CA GLY A 41 16.90 -11.34 11.62
C GLY A 41 15.88 -10.27 11.71
N LYS A 42 14.99 -10.15 10.69
CA LYS A 42 14.01 -9.03 10.71
C LYS A 42 12.64 -9.71 10.66
N VAL A 43 11.59 -8.92 10.77
CA VAL A 43 10.27 -9.43 10.80
C VAL A 43 9.55 -8.98 9.51
N ILE A 44 8.77 -9.87 8.91
CA ILE A 44 7.96 -9.47 7.71
C ILE A 44 6.50 -9.55 8.27
N LEU A 45 5.78 -8.40 8.18
CA LEU A 45 4.38 -8.35 8.67
C LEU A 45 3.54 -8.37 7.41
N VAL A 46 2.56 -9.26 7.37
CA VAL A 46 1.78 -9.47 6.16
C VAL A 46 0.33 -9.31 6.51
N ALA A 47 -0.43 -8.66 5.63
CA ALA A 47 -1.90 -8.72 5.76
C ALA A 47 -2.45 -9.50 4.59
N VAL A 48 -3.30 -10.49 4.87
CA VAL A 48 -3.90 -11.34 3.81
C VAL A 48 -5.38 -11.05 3.71
N HIS A 49 -5.88 -10.75 2.50
CA HIS A 49 -7.30 -10.62 2.29
C HIS A 49 -7.83 -12.05 2.11
N VAL A 50 -8.61 -12.46 3.11
CA VAL A 50 -8.85 -13.94 3.27
C VAL A 50 -9.55 -14.55 2.04
N ALA A 51 -10.52 -13.82 1.50
CA ALA A 51 -11.34 -14.36 0.38
C ALA A 51 -10.63 -14.49 -0.95
N SER A 52 -9.62 -13.65 -1.17
CA SER A 52 -8.81 -13.67 -2.41
C SER A 52 -7.40 -14.22 -2.35
N GLY A 53 -6.76 -14.22 -1.18
CA GLY A 53 -5.34 -14.51 -1.02
C GLY A 53 -4.42 -13.33 -1.40
N TYR A 54 -5.01 -12.14 -1.63
CA TYR A 54 -4.13 -10.98 -1.99
C TYR A 54 -3.40 -10.57 -0.69
N ILE A 55 -2.13 -10.10 -0.80
CA ILE A 55 -1.40 -9.72 0.37
C ILE A 55 -0.76 -8.35 0.18
N GLU A 56 -0.50 -7.72 1.35
CA GLU A 56 0.36 -6.51 1.41
C GLU A 56 1.37 -6.86 2.56
N ALA A 57 2.60 -6.36 2.50
CA ALA A 57 3.61 -6.77 3.53
C ALA A 57 4.60 -5.63 3.68
N GLU A 58 5.28 -5.66 4.84
CA GLU A 58 6.37 -4.75 5.12
CA GLU A 58 6.36 -4.73 5.12
C GLU A 58 7.41 -5.43 5.96
N VAL A 59 8.59 -4.86 5.92
CA VAL A 59 9.68 -5.39 6.79
C VAL A 59 9.86 -4.36 7.94
N ILE A 60 9.87 -4.88 9.18
CA ILE A 60 10.19 -4.04 10.37
C ILE A 60 11.22 -4.79 11.25
N PRO A 61 11.92 -4.03 12.15
CA PRO A 61 12.99 -4.74 12.88
C PRO A 61 12.46 -5.69 13.89
N ALA A 62 11.22 -5.40 14.39
CA ALA A 62 10.61 -6.34 15.29
C ALA A 62 9.12 -5.99 15.40
N GLU A 63 8.28 -6.99 15.74
CA GLU A 63 6.86 -6.71 15.76
C GLU A 63 6.48 -6.04 17.05
N THR A 64 5.99 -4.81 16.95
CA THR A 64 5.51 -4.09 18.16
C THR A 64 4.02 -3.65 17.83
N GLY A 65 3.28 -3.25 18.86
CA GLY A 65 1.92 -2.70 18.67
C GLY A 65 2.01 -1.46 17.81
N GLN A 66 2.99 -0.55 18.14
CA GLN A 66 3.08 0.64 17.29
C GLN A 66 3.28 0.31 15.79
N GLU A 67 4.20 -0.61 15.51
CA GLU A 67 4.39 -0.86 14.03
C GLU A 67 3.15 -1.51 13.47
N THR A 68 2.50 -2.41 14.21
CA THR A 68 1.32 -3.08 13.67
C THR A 68 0.19 -2.07 13.45
N ALA A 69 0.03 -1.17 14.38
CA ALA A 69 -0.98 -0.13 14.23
C ALA A 69 -0.78 0.71 12.97
N TYR A 70 0.49 1.14 12.72
CA TYR A 70 0.77 1.98 11.53
C TYR A 70 0.47 1.14 10.23
N PHE A 71 0.89 -0.14 10.26
CA PHE A 71 0.62 -0.99 9.11
C PHE A 71 -0.88 -1.09 8.82
N LEU A 72 -1.72 -1.25 9.86
CA LEU A 72 -3.15 -1.31 9.62
C LEU A 72 -3.74 -0.03 9.15
N LEU A 73 -3.23 1.11 9.66
N LEU A 73 -3.23 1.14 9.62
CA LEU A 73 -3.68 2.38 9.17
CA LEU A 73 -3.67 2.45 9.06
C LEU A 73 -3.37 2.51 7.67
C LEU A 73 -3.34 2.55 7.60
N LYS A 74 -2.17 2.07 7.20
CA LYS A 74 -1.89 2.10 5.76
CA LYS A 74 -1.88 2.11 5.76
C LYS A 74 -2.85 1.22 5.00
N LEU A 75 -3.08 0.02 5.53
CA LEU A 75 -3.89 -0.92 4.80
C LEU A 75 -5.32 -0.37 4.64
N ALA A 76 -5.91 0.17 5.73
CA ALA A 76 -7.30 0.65 5.66
C ALA A 76 -7.49 1.89 4.77
N GLY A 77 -6.41 2.63 4.54
CA GLY A 77 -6.54 3.77 3.58
C GLY A 77 -6.54 3.29 2.15
N ARG A 78 -6.15 2.00 1.90
CA ARG A 78 -6.02 1.51 0.56
C ARG A 78 -7.09 0.57 0.13
N TRP A 79 -7.62 -0.22 1.06
CA TRP A 79 -8.73 -1.18 0.83
C TRP A 79 -9.77 -1.03 1.91
N PRO A 80 -11.01 -1.45 1.62
CA PRO A 80 -12.10 -1.26 2.63
C PRO A 80 -12.12 -2.34 3.66
N VAL A 81 -11.32 -2.13 4.69
CA VAL A 81 -11.01 -3.12 5.72
C VAL A 81 -12.13 -3.04 6.78
N LYS A 82 -12.93 -4.10 6.93
CA LYS A 82 -13.99 -4.10 7.91
C LYS A 82 -13.49 -4.82 9.16
N THR A 83 -12.77 -5.91 9.01
CA THR A 83 -12.38 -6.71 10.20
C THR A 83 -10.97 -7.11 10.00
N VAL A 84 -10.20 -7.08 11.09
CA VAL A 84 -8.86 -7.68 10.98
CA VAL A 84 -8.84 -7.63 11.02
C VAL A 84 -8.72 -8.73 12.07
N HIS A 85 -8.36 -9.94 11.64
CA HIS A 85 -8.00 -11.04 12.63
C HIS A 85 -6.56 -10.84 12.97
N THR A 86 -6.28 -10.46 14.20
CA THR A 86 -4.91 -10.13 14.58
CA THR A 86 -4.95 -10.13 14.58
C THR A 86 -4.09 -11.45 14.70
N ASP A 87 -2.80 -11.31 14.65
CA ASP A 87 -1.90 -12.48 14.45
C ASP A 87 -1.48 -13.11 15.79
N ASN A 88 -1.65 -12.38 16.89
CA ASN A 88 -1.27 -12.94 18.24
C ASN A 88 -1.96 -12.10 19.30
N GLY A 89 -1.88 -12.56 20.56
CA GLY A 89 -2.65 -11.90 21.61
C GLY A 89 -2.00 -10.55 22.02
N SER A 90 -0.72 -10.37 21.77
CA SER A 90 -0.02 -9.10 22.07
C SER A 90 -0.63 -7.98 21.16
N ASN A 91 -0.77 -8.31 19.91
CA ASN A 91 -1.37 -7.21 18.99
C ASN A 91 -2.87 -7.16 19.23
N PHE A 92 -3.55 -8.22 19.63
CA PHE A 92 -4.96 -8.07 20.08
C PHE A 92 -5.14 -7.14 21.29
N THR A 93 -4.25 -7.27 22.26
CA THR A 93 -4.36 -6.48 23.51
C THR A 93 -3.88 -5.05 23.29
N SER A 94 -2.86 -4.86 22.45
CA SER A 94 -2.17 -3.53 22.30
C SER A 94 -3.14 -2.35 22.27
N THR A 95 -2.90 -1.38 23.18
CA THR A 95 -3.76 -0.19 23.09
C THR A 95 -3.52 0.58 21.81
N THR A 96 -2.30 0.56 21.31
CA THR A 96 -2.05 1.34 20.07
C THR A 96 -2.70 0.68 18.87
N VAL A 97 -2.70 -0.69 18.82
CA VAL A 97 -3.44 -1.33 17.73
C VAL A 97 -4.92 -1.04 17.89
N LYS A 98 -5.45 -1.07 19.13
CA LYS A 98 -6.89 -0.78 19.31
C LYS A 98 -7.21 0.65 18.83
N ALA A 99 -6.29 1.55 19.13
CA ALA A 99 -6.51 2.98 18.73
C ALA A 99 -6.51 3.09 17.21
N ALA A 100 -5.57 2.48 16.51
CA ALA A 100 -5.59 2.57 15.05
C ALA A 100 -6.79 1.92 14.47
N CYS A 101 -7.22 0.77 15.03
CA CYS A 101 -8.42 0.14 14.53
C CYS A 101 -9.66 1.02 14.80
N TRP A 102 -9.69 1.66 15.99
CA TRP A 102 -10.82 2.59 16.18
C TRP A 102 -10.76 3.73 15.12
N TRP A 103 -9.59 4.32 14.95
CA TRP A 103 -9.47 5.46 14.05
C TRP A 103 -9.98 5.09 12.66
N ALA A 104 -9.48 3.94 12.17
CA ALA A 104 -9.83 3.52 10.81
C ALA A 104 -11.15 2.80 10.60
N GLY A 105 -11.93 2.63 11.69
CA GLY A 105 -13.19 1.93 11.56
C GLY A 105 -13.08 0.42 11.35
N ILE A 106 -12.06 -0.19 11.94
CA ILE A 106 -11.89 -1.65 11.83
C ILE A 106 -12.31 -2.35 13.08
N LYS A 107 -12.98 -3.50 12.88
CA LYS A 107 -13.33 -4.35 14.02
CA LYS A 107 -13.32 -4.38 13.99
C LYS A 107 -12.10 -5.20 14.22
N GLN A 108 -11.51 -5.13 15.42
CA GLN A 108 -10.30 -5.89 15.73
C GLN A 108 -10.73 -7.17 16.35
N GLU A 109 -10.36 -8.28 15.75
CA GLU A 109 -10.80 -9.62 16.20
C GLU A 109 -9.58 -10.49 16.53
N ASP A 110 -9.79 -11.61 17.25
CA ASP A 110 -8.69 -12.63 17.36
C ASP A 110 -8.42 -13.34 16.07
N GLY A 111 -7.36 -14.13 16.01
CA GLY A 111 -7.09 -14.84 14.77
C GLY A 111 -6.93 -16.32 15.04
N ILE A 112 -7.76 -16.77 15.98
CA ILE A 112 -7.76 -18.18 16.37
CA ILE A 112 -7.74 -18.18 16.35
C ILE A 112 -8.25 -19.00 15.16
N PRO A 113 -7.45 -20.03 14.76
CA PRO A 113 -7.91 -20.83 13.62
C PRO A 113 -9.07 -21.76 13.98
N TYR A 114 -10.25 -21.21 14.05
CA TYR A 114 -11.46 -22.01 14.28
C TYR A 114 -11.64 -22.96 13.15
N ASN A 115 -11.21 -22.56 11.96
CA ASN A 115 -11.03 -23.55 10.91
C ASN A 115 -9.57 -24.03 10.88
N PRO A 116 -9.30 -25.30 11.26
CA PRO A 116 -7.93 -25.76 11.48
C PRO A 116 -7.10 -25.63 10.19
N GLN A 117 -7.76 -25.78 9.04
CA GLN A 117 -7.09 -25.62 7.72
C GLN A 117 -6.36 -24.26 7.59
N SER A 118 -6.81 -23.25 8.37
CA SER A 118 -6.13 -21.88 8.42
C SER A 118 -4.65 -21.86 8.81
N GLN A 119 -4.27 -22.61 9.86
CA GLN A 119 -2.85 -22.65 10.29
C GLN A 119 -2.05 -23.09 9.06
N GLY A 120 -2.55 -24.12 8.34
CA GLY A 120 -1.79 -24.73 7.26
C GLY A 120 -1.67 -23.76 6.07
N VAL A 121 -2.73 -23.01 5.84
CA VAL A 121 -2.78 -22.11 4.66
C VAL A 121 -1.76 -20.95 4.90
N ILE A 122 -1.74 -20.41 6.11
N ILE A 122 -1.73 -20.40 6.10
CA ILE A 122 -0.82 -19.34 6.47
CA ILE A 122 -0.79 -19.31 6.34
C ILE A 122 0.62 -19.86 6.41
C ILE A 122 0.65 -19.86 6.39
N GLU A 123 0.84 -21.07 6.94
CA GLU A 123 2.17 -21.58 6.95
C GLU A 123 2.67 -21.84 5.55
N SER A 124 1.81 -22.34 4.68
N SER A 124 1.78 -22.35 4.71
CA SER A 124 2.24 -22.60 3.32
CA SER A 124 2.10 -22.62 3.32
C SER A 124 2.51 -21.29 2.60
C SER A 124 2.49 -21.32 2.65
N MET A 125 1.72 -20.29 2.98
CA MET A 125 1.96 -18.93 2.37
C MET A 125 3.31 -18.39 2.81
N ASN A 126 3.68 -18.58 4.09
CA ASN A 126 4.95 -18.02 4.52
C ASN A 126 6.10 -18.74 3.87
N LYS A 127 5.93 -20.09 3.72
CA LYS A 127 6.98 -20.84 3.01
C LYS A 127 7.19 -20.40 1.56
N GLU A 128 6.08 -20.19 0.88
CA GLU A 128 6.09 -19.74 -0.51
C GLU A 128 6.70 -18.37 -0.62
N LEU A 129 6.33 -17.45 0.28
N LEU A 129 6.31 -17.45 0.26
CA LEU A 129 6.91 -16.09 0.20
CA LEU A 129 6.85 -16.09 0.25
C LEU A 129 8.38 -16.13 0.48
C LEU A 129 8.36 -16.13 0.49
N LYS A 130 8.82 -16.97 1.43
CA LYS A 130 10.24 -17.00 1.65
C LYS A 130 11.05 -17.60 0.44
N LYS A 131 10.43 -18.61 -0.20
CA LYS A 131 11.03 -19.22 -1.40
C LYS A 131 11.17 -18.13 -2.44
N ILE A 132 10.12 -17.32 -2.64
CA ILE A 132 10.26 -16.27 -3.68
C ILE A 132 11.25 -15.23 -3.29
N ILE A 133 11.25 -14.81 -2.00
CA ILE A 133 12.30 -13.85 -1.58
C ILE A 133 13.68 -14.36 -1.91
N GLY A 134 13.89 -15.67 -1.65
CA GLY A 134 15.25 -16.24 -1.94
C GLY A 134 15.58 -16.15 -3.42
N GLN A 135 14.58 -16.36 -4.28
CA GLN A 135 14.78 -16.39 -5.73
C GLN A 135 15.10 -14.95 -6.20
N VAL A 136 14.57 -13.91 -5.50
CA VAL A 136 14.89 -12.55 -5.95
C VAL A 136 15.94 -11.82 -5.21
N ARG A 137 16.38 -12.44 -4.11
CA ARG A 137 17.09 -11.68 -3.13
C ARG A 137 18.32 -11.05 -3.70
N ASP A 138 19.01 -11.72 -4.64
CA ASP A 138 20.22 -11.07 -5.19
C ASP A 138 19.97 -9.92 -6.22
N GLN A 139 18.74 -9.68 -6.60
CA GLN A 139 18.41 -8.52 -7.43
C GLN A 139 18.14 -7.26 -6.56
N ALA A 140 18.16 -7.39 -5.24
CA ALA A 140 17.84 -6.31 -4.33
C ALA A 140 18.97 -6.02 -3.33
N GLU A 141 19.32 -4.76 -3.16
N GLU A 141 19.28 -4.75 -3.13
CA GLU A 141 20.21 -4.49 -2.04
CA GLU A 141 20.18 -4.33 -2.04
C GLU A 141 19.52 -4.78 -0.71
C GLU A 141 19.58 -4.61 -0.68
N HIS A 142 18.31 -4.27 -0.51
CA HIS A 142 17.64 -4.35 0.84
C HIS A 142 16.58 -5.43 0.87
N LEU A 143 16.46 -6.12 2.02
CA LEU A 143 15.40 -7.14 2.15
C LEU A 143 14.03 -6.53 1.78
N LYS A 144 13.78 -5.25 2.23
CA LYS A 144 12.43 -4.76 2.01
C LYS A 144 12.06 -4.75 0.49
N THR A 145 13.05 -4.49 -0.36
CA THR A 145 12.78 -4.60 -1.83
C THR A 145 12.43 -6.04 -2.29
N ALA A 146 13.22 -7.04 -1.79
CA ALA A 146 12.90 -8.38 -2.13
C ALA A 146 11.49 -8.76 -1.65
N VAL A 147 11.08 -8.28 -0.45
CA VAL A 147 9.76 -8.63 0.01
C VAL A 147 8.71 -7.98 -0.89
N GLN A 148 8.96 -6.76 -1.34
CA GLN A 148 7.95 -6.18 -2.22
C GLN A 148 7.93 -6.88 -3.61
N MET A 149 9.09 -7.39 -4.05
CA MET A 149 9.10 -8.16 -5.32
C MET A 149 8.25 -9.44 -5.07
N ALA A 150 8.39 -10.06 -3.88
CA ALA A 150 7.59 -11.28 -3.64
C ALA A 150 6.09 -10.99 -3.53
N VAL A 151 5.76 -9.85 -2.94
CA VAL A 151 4.35 -9.44 -2.88
C VAL A 151 3.84 -9.30 -4.34
N PHE A 152 4.62 -8.61 -5.20
CA PHE A 152 4.20 -8.42 -6.55
C PHE A 152 3.99 -9.82 -7.25
N ILE A 153 4.97 -10.69 -7.10
CA ILE A 153 4.83 -12.03 -7.80
C ILE A 153 3.65 -12.79 -7.22
N HIS A 154 3.48 -12.77 -5.91
CA HIS A 154 2.32 -13.48 -5.33
C HIS A 154 0.99 -12.95 -5.80
N ASN A 155 0.84 -11.61 -5.92
CA ASN A 155 -0.48 -11.06 -6.24
C ASN A 155 -0.77 -11.14 -7.71
N HIS A 156 0.27 -11.29 -8.54
CA HIS A 156 0.00 -11.34 -9.98
C HIS A 156 -0.08 -12.80 -10.47
N LYS A 157 0.27 -13.78 -9.64
CA LYS A 157 0.27 -15.21 -10.16
C LYS A 157 -1.13 -15.71 -10.50
N ARG A 158 -1.30 -16.29 -11.75
CA ARG A 158 -2.60 -16.84 -12.06
C ARG A 158 -2.69 -18.31 -11.64
N LYS A 159 -3.79 -18.65 -11.01
CA LYS A 159 -3.99 -19.90 -10.26
C LYS A 159 -4.85 -20.80 -11.13
N GLY A 164 -8.03 -18.74 -15.35
CA GLY A 164 -7.30 -18.65 -14.07
C GLY A 164 -7.04 -17.21 -13.66
N TYR A 165 -7.59 -16.81 -12.52
CA TYR A 165 -7.48 -15.42 -12.08
C TYR A 165 -6.35 -15.27 -11.04
N SER A 166 -5.77 -14.07 -10.93
CA SER A 166 -4.72 -13.86 -9.89
C SER A 166 -5.44 -13.35 -8.61
N ALA A 167 -4.69 -13.28 -7.49
CA ALA A 167 -5.29 -12.74 -6.29
C ALA A 167 -5.61 -11.26 -6.44
N GLY A 168 -4.79 -10.54 -7.20
CA GLY A 168 -5.08 -9.11 -7.42
C GLY A 168 -6.38 -8.93 -8.21
N GLU A 169 -6.58 -9.84 -9.20
CA GLU A 169 -7.89 -9.81 -9.89
C GLU A 169 -9.05 -10.19 -8.97
N ARG A 170 -8.86 -11.19 -8.17
CA ARG A 170 -9.95 -11.70 -7.33
C ARG A 170 -10.36 -10.64 -6.31
N ILE A 171 -9.40 -9.92 -5.71
CA ILE A 171 -9.80 -8.97 -4.66
C ILE A 171 -10.61 -7.81 -5.28
N VAL A 172 -10.19 -7.31 -6.42
CA VAL A 172 -10.97 -6.26 -7.15
C VAL A 172 -12.33 -6.78 -7.50
N ASP A 173 -12.42 -7.99 -8.04
CA ASP A 173 -13.74 -8.65 -8.42
CA ASP A 173 -13.76 -8.49 -8.42
C ASP A 173 -14.66 -8.66 -7.21
N ILE A 174 -14.12 -9.17 -6.12
CA ILE A 174 -14.92 -9.29 -4.92
C ILE A 174 -15.38 -7.99 -4.36
N ILE A 175 -14.49 -7.01 -4.26
N ILE A 175 -14.49 -7.01 -4.28
CA ILE A 175 -14.93 -5.73 -3.72
CA ILE A 175 -14.89 -5.71 -3.75
C ILE A 175 -15.90 -5.03 -4.68
C ILE A 175 -15.85 -4.98 -4.68
N ALA A 176 -15.66 -5.13 -5.98
CA ALA A 176 -16.56 -4.39 -6.96
C ALA A 176 -17.98 -4.99 -6.89
N THR A 177 -18.05 -6.30 -6.76
CA THR A 177 -19.31 -6.99 -6.60
C THR A 177 -20.03 -6.55 -5.35
N ASP A 178 -19.30 -6.34 -4.25
CA ASP A 178 -19.85 -5.79 -3.04
C ASP A 178 -20.40 -4.37 -3.22
N ILE A 179 -19.67 -3.50 -3.90
CA ILE A 179 -20.09 -2.12 -4.09
C ILE A 179 -21.45 -2.08 -4.86
N GLN A 180 -21.64 -2.95 -5.82
CA GLN A 180 -22.81 -2.97 -6.76
C GLN A 180 -24.04 -3.78 -6.27
N SER B 28 -6.61 4.02 -19.67
N SER B 28 -6.54 3.86 -19.29
CA SER B 28 -7.41 4.45 -18.47
CA SER B 28 -6.73 4.56 -17.97
C SER B 28 -7.01 3.69 -17.18
C SER B 28 -7.10 3.68 -16.76
N PRO B 29 -7.46 2.43 -16.99
CA PRO B 29 -7.38 1.73 -15.71
C PRO B 29 -5.93 1.64 -15.18
N GLY B 30 -4.92 1.62 -16.03
CA GLY B 30 -3.59 1.33 -15.47
C GLY B 30 -2.69 2.61 -15.38
N ILE B 31 -3.26 3.82 -15.52
CA ILE B 31 -2.39 5.02 -15.58
C ILE B 31 -2.30 5.74 -14.24
N TRP B 32 -1.09 5.96 -13.79
CA TRP B 32 -0.87 6.68 -12.52
C TRP B 32 0.06 7.85 -12.78
N GLN B 33 0.01 8.82 -11.85
CA GLN B 33 0.90 10.02 -11.93
CA GLN B 33 0.88 10.01 -11.93
C GLN B 33 1.58 10.16 -10.60
N LEU B 34 2.89 10.47 -10.62
N LEU B 34 2.88 10.45 -10.65
CA LEU B 34 3.60 10.74 -9.41
CA LEU B 34 3.67 10.72 -9.45
C LEU B 34 3.54 12.21 -9.10
C LEU B 34 3.61 12.20 -9.11
N ASP B 35 3.66 12.51 -7.82
CA ASP B 35 3.57 13.92 -7.33
C ASP B 35 4.37 14.03 -6.05
N CYS B 36 5.13 15.10 -5.85
CA CYS B 36 6.00 15.19 -4.70
C CYS B 36 5.73 16.55 -4.12
N THR B 37 5.40 16.56 -2.83
CA THR B 37 5.13 17.83 -2.08
C THR B 37 5.89 17.87 -0.80
N HIS B 38 6.09 19.07 -0.24
CA HIS B 38 6.93 19.18 0.93
C HIS B 38 6.14 19.62 2.14
N LEU B 39 6.47 19.07 3.28
CA LEU B 39 5.88 19.48 4.59
C LEU B 39 6.80 19.14 5.71
N GLU B 40 6.89 20.04 6.72
CA GLU B 40 7.72 19.72 7.90
C GLU B 40 9.19 19.39 7.61
N GLY B 41 9.73 19.96 6.52
CA GLY B 41 11.08 19.65 6.15
C GLY B 41 11.28 18.28 5.58
N LYS B 42 10.17 17.56 5.32
CA LYS B 42 10.26 16.23 4.70
C LYS B 42 9.50 16.29 3.40
N VAL B 43 9.56 15.17 2.66
CA VAL B 43 8.93 15.10 1.39
C VAL B 43 7.77 14.07 1.45
N ILE B 44 6.66 14.40 0.82
CA ILE B 44 5.53 13.42 0.77
C ILE B 44 5.50 13.05 -0.73
N LEU B 45 5.66 11.73 -1.03
CA LEU B 45 5.59 11.28 -2.42
C LEU B 45 4.24 10.61 -2.59
N VAL B 46 3.53 10.99 -3.65
CA VAL B 46 2.14 10.55 -3.85
C VAL B 46 2.03 9.90 -5.20
N ALA B 47 1.27 8.80 -5.28
CA ALA B 47 0.89 8.31 -6.60
C ALA B 47 -0.59 8.45 -6.75
N VAL B 48 -1.02 9.06 -7.84
CA VAL B 48 -2.49 9.31 -8.06
C VAL B 48 -2.92 8.41 -9.21
N HIS B 49 -4.01 7.64 -9.02
CA HIS B 49 -4.59 6.93 -10.12
C HIS B 49 -5.50 7.91 -10.85
N VAL B 50 -5.09 8.22 -12.08
CA VAL B 50 -5.60 9.47 -12.74
C VAL B 50 -7.13 9.42 -12.94
N ALA B 51 -7.62 8.28 -13.36
CA ALA B 51 -9.06 8.09 -13.72
C ALA B 51 -10.02 8.16 -12.50
N SER B 52 -9.52 7.80 -11.32
CA SER B 52 -10.33 7.79 -10.10
C SER B 52 -10.02 8.84 -9.06
N GLY B 53 -8.83 9.39 -9.07
CA GLY B 53 -8.34 10.25 -8.02
C GLY B 53 -7.88 9.50 -6.75
N TYR B 54 -7.81 8.17 -6.83
CA TYR B 54 -7.36 7.41 -5.58
C TYR B 54 -5.86 7.67 -5.45
N ILE B 55 -5.39 7.75 -4.18
CA ILE B 55 -3.96 8.01 -3.98
C ILE B 55 -3.33 6.99 -3.00
N GLU B 56 -2.00 6.85 -3.15
CA GLU B 56 -1.16 6.14 -2.14
C GLU B 56 -0.01 7.18 -1.86
N ALA B 57 0.55 7.17 -0.66
CA ALA B 57 1.61 8.22 -0.40
C ALA B 57 2.53 7.63 0.65
N GLU B 58 3.73 8.25 0.77
CA GLU B 58 4.67 7.93 1.80
CA GLU B 58 4.68 7.91 1.79
C GLU B 58 5.46 9.16 2.14
N VAL B 59 6.07 9.13 3.32
CA VAL B 59 6.95 10.25 3.72
C VAL B 59 8.40 9.72 3.62
N ILE B 60 9.27 10.52 2.98
CA ILE B 60 10.73 10.23 2.90
C ILE B 60 11.52 11.52 3.21
N PRO B 61 12.83 11.39 3.57
CA PRO B 61 13.52 12.60 4.02
C PRO B 61 13.83 13.48 2.84
N ALA B 62 13.96 12.86 1.65
CA ALA B 62 14.15 13.66 0.45
C ALA B 62 13.84 12.80 -0.80
N GLU B 63 13.48 13.45 -1.93
CA GLU B 63 13.11 12.61 -3.07
C GLU B 63 14.39 12.19 -3.81
N THR B 64 14.64 10.90 -3.88
CA THR B 64 15.81 10.40 -4.63
C THR B 64 15.24 9.35 -5.64
N GLY B 65 16.04 8.99 -6.64
CA GLY B 65 15.62 7.90 -7.55
C GLY B 65 15.42 6.60 -6.76
N GLN B 66 16.35 6.27 -5.83
CA GLN B 66 16.18 5.03 -5.11
C GLN B 66 14.82 5.03 -4.35
N GLU B 67 14.50 6.10 -3.64
CA GLU B 67 13.19 6.06 -2.91
C GLU B 67 12.05 5.98 -3.88
N THR B 68 12.11 6.70 -5.01
CA THR B 68 10.99 6.68 -5.94
C THR B 68 10.83 5.30 -6.52
N ALA B 69 11.96 4.67 -6.86
CA ALA B 69 11.89 3.33 -7.40
C ALA B 69 11.20 2.33 -6.42
N TYR B 70 11.59 2.40 -5.13
CA TYR B 70 10.99 1.46 -4.16
C TYR B 70 9.45 1.73 -4.02
N PHE B 71 9.09 3.00 -4.00
CA PHE B 71 7.68 3.38 -3.93
C PHE B 71 6.92 2.80 -5.11
N LEU B 72 7.45 2.88 -6.35
CA LEU B 72 6.74 2.27 -7.49
C LEU B 72 6.70 0.78 -7.46
N LEU B 73 7.76 0.12 -6.94
N LEU B 73 7.75 0.11 -6.95
CA LEU B 73 7.66 -1.32 -6.75
CA LEU B 73 7.65 -1.36 -6.71
C LEU B 73 6.55 -1.67 -5.78
C LEU B 73 6.54 -1.68 -5.76
N LYS B 74 6.38 -0.90 -4.67
CA LYS B 74 5.27 -1.17 -3.78
CA LYS B 74 5.23 -1.18 -3.78
C LYS B 74 3.92 -0.98 -4.48
N LEU B 75 3.79 0.12 -5.26
CA LEU B 75 2.55 0.44 -5.88
C LEU B 75 2.14 -0.69 -6.88
N ALA B 76 3.14 -1.12 -7.69
CA ALA B 76 2.78 -2.08 -8.73
C ALA B 76 2.52 -3.48 -8.18
N GLY B 77 2.95 -3.78 -6.95
CA GLY B 77 2.53 -5.11 -6.35
C GLY B 77 1.09 -5.09 -5.84
N ARG B 78 0.54 -3.87 -5.73
CA ARG B 78 -0.79 -3.69 -5.12
C ARG B 78 -1.85 -3.39 -6.08
N TRP B 79 -1.56 -2.68 -7.20
CA TRP B 79 -2.52 -2.35 -8.24
C TRP B 79 -1.90 -2.62 -9.60
N PRO B 80 -2.73 -2.81 -10.67
CA PRO B 80 -2.13 -3.19 -11.98
C PRO B 80 -1.68 -1.94 -12.75
N VAL B 81 -0.43 -1.57 -12.48
CA VAL B 81 0.14 -0.33 -12.90
C VAL B 81 0.69 -0.52 -14.31
N LYS B 82 0.10 0.10 -15.34
CA LYS B 82 0.61 -0.03 -16.72
C LYS B 82 1.56 1.11 -17.02
N THR B 83 1.24 2.31 -16.61
CA THR B 83 2.03 3.45 -17.03
C THR B 83 2.16 4.38 -15.84
N VAL B 84 3.35 4.92 -15.65
CA VAL B 84 3.51 5.96 -14.63
CA VAL B 84 3.49 5.97 -14.64
C VAL B 84 4.04 7.23 -15.29
N HIS B 85 3.32 8.33 -15.07
CA HIS B 85 3.82 9.69 -15.49
C HIS B 85 4.66 10.16 -14.33
N THR B 86 5.96 10.28 -14.56
CA THR B 86 6.88 10.64 -13.46
CA THR B 86 6.88 10.62 -13.51
C THR B 86 6.72 12.15 -13.20
N ASP B 87 7.17 12.54 -12.03
CA ASP B 87 6.85 13.85 -11.48
C ASP B 87 7.87 14.94 -11.89
N ASN B 88 9.05 14.51 -12.31
CA ASN B 88 10.10 15.49 -12.73
C ASN B 88 11.13 14.70 -13.57
N GLY B 89 12.02 15.48 -14.22
CA GLY B 89 12.95 14.91 -15.15
C GLY B 89 14.03 14.06 -14.45
N SER B 90 14.33 14.35 -13.20
CA SER B 90 15.36 13.58 -12.47
C SER B 90 14.84 12.12 -12.26
N ASN B 91 13.60 12.01 -11.88
CA ASN B 91 13.02 10.62 -11.73
C ASN B 91 12.74 10.02 -13.08
N PHE B 92 12.44 10.80 -14.12
CA PHE B 92 12.41 10.20 -15.46
C PHE B 92 13.76 9.62 -15.92
N THR B 93 14.84 10.33 -15.61
CA THR B 93 16.17 9.92 -16.08
C THR B 93 16.76 8.83 -15.23
N SER B 94 16.44 8.81 -13.91
CA SER B 94 17.05 7.90 -12.94
C SER B 94 17.19 6.44 -13.42
N THR B 95 18.45 5.93 -13.38
CA THR B 95 18.59 4.52 -13.76
C THR B 95 17.84 3.62 -12.81
N THR B 96 17.84 4.01 -11.54
CA THR B 96 17.13 3.12 -10.59
C THR B 96 15.63 3.11 -10.74
N VAL B 97 15.05 4.28 -11.07
CA VAL B 97 13.62 4.28 -11.38
C VAL B 97 13.39 3.48 -12.65
N LYS B 98 14.25 3.60 -13.68
CA LYS B 98 14.03 2.81 -14.90
C LYS B 98 14.10 1.28 -14.58
N ALA B 99 15.03 0.92 -13.73
CA ALA B 99 15.19 -0.51 -13.35
C ALA B 99 13.93 -1.00 -12.66
N ALA B 100 13.40 -0.24 -11.69
CA ALA B 100 12.18 -0.68 -11.03
C ALA B 100 11.01 -0.76 -11.97
N CYS B 101 10.86 0.24 -12.86
CA CYS B 101 9.80 0.20 -13.87
C CYS B 101 10.01 -1.01 -14.78
N TRP B 102 11.25 -1.30 -15.19
CA TRP B 102 11.43 -2.53 -15.99
C TRP B 102 10.99 -3.77 -15.17
N TRP B 103 11.45 -3.85 -13.92
CA TRP B 103 11.19 -5.06 -13.12
C TRP B 103 9.69 -5.30 -13.02
N ALA B 104 8.99 -4.21 -12.67
CA ALA B 104 7.52 -4.33 -12.50
C ALA B 104 6.60 -4.27 -13.71
N GLY B 105 7.20 -4.17 -14.92
CA GLY B 105 6.43 -4.10 -16.16
C GLY B 105 5.68 -2.81 -16.33
N ILE B 106 6.28 -1.71 -15.86
CA ILE B 106 5.64 -0.36 -16.02
C ILE B 106 6.31 0.44 -17.14
N LYS B 107 5.46 1.12 -17.92
CA LYS B 107 5.92 2.04 -18.94
CA LYS B 107 5.96 2.02 -18.95
C LYS B 107 6.21 3.34 -18.21
N GLN B 108 7.46 3.76 -18.21
CA GLN B 108 7.80 5.00 -17.53
C GLN B 108 7.67 6.12 -18.49
N GLU B 109 6.85 7.11 -18.20
CA GLU B 109 6.56 8.20 -19.16
C GLU B 109 6.86 9.58 -18.48
N ASP B 110 6.94 10.66 -19.28
CA ASP B 110 7.02 12.03 -18.62
C ASP B 110 5.75 12.44 -17.95
N GLY B 111 5.71 13.55 -17.24
CA GLY B 111 4.47 13.96 -16.64
C GLY B 111 4.14 15.38 -17.04
N ILE B 112 4.49 15.69 -18.28
CA ILE B 112 4.24 17.03 -18.80
C ILE B 112 2.73 17.21 -18.87
N PRO B 113 2.22 18.31 -18.28
CA PRO B 113 0.79 18.65 -18.37
C PRO B 113 0.38 19.09 -19.78
N TYR B 114 0.27 18.15 -20.69
CA TYR B 114 -0.24 18.40 -22.04
C TYR B 114 -1.63 18.97 -21.96
N ASN B 115 -2.43 18.41 -21.06
CA ASN B 115 -3.67 19.09 -20.66
C ASN B 115 -3.38 20.04 -19.48
N PRO B 116 -3.50 21.37 -19.70
CA PRO B 116 -3.09 22.39 -18.74
C PRO B 116 -3.85 22.32 -17.41
N GLN B 117 -5.11 21.87 -17.47
CA GLN B 117 -5.91 21.62 -16.23
C GLN B 117 -5.18 20.68 -15.22
N SER B 118 -4.29 19.82 -15.71
N SER B 118 -4.26 19.84 -15.69
CA SER B 118 -3.49 18.90 -14.82
CA SER B 118 -3.47 18.90 -14.82
C SER B 118 -2.67 19.57 -13.70
C SER B 118 -2.63 19.55 -13.72
N GLN B 119 -1.97 20.67 -14.04
CA GLN B 119 -1.13 21.39 -13.04
C GLN B 119 -2.09 21.72 -11.89
N GLY B 120 -3.27 22.29 -12.24
CA GLY B 120 -4.19 22.83 -11.25
C GLY B 120 -4.78 21.71 -10.39
N VAL B 121 -5.05 20.59 -11.02
CA VAL B 121 -5.70 19.47 -10.31
C VAL B 121 -4.70 18.90 -9.24
N ILE B 122 -3.43 18.74 -9.63
N ILE B 122 -3.43 18.77 -9.60
CA ILE B 122 -2.39 18.26 -8.70
CA ILE B 122 -2.45 18.23 -8.66
C ILE B 122 -2.18 19.27 -7.58
C ILE B 122 -2.12 19.28 -7.58
N GLU B 123 -2.10 20.54 -7.96
CA GLU B 123 -1.89 21.56 -6.97
C GLU B 123 -3.01 21.61 -5.97
N SER B 124 -4.25 21.51 -6.43
N SER B 124 -4.23 21.51 -6.47
CA SER B 124 -5.37 21.58 -5.52
CA SER B 124 -5.40 21.54 -5.62
C SER B 124 -5.37 20.33 -4.63
C SER B 124 -5.33 20.36 -4.66
N MET B 125 -4.95 19.22 -5.21
CA MET B 125 -4.82 17.96 -4.36
C MET B 125 -3.77 18.19 -3.27
N ASN B 126 -2.60 18.78 -3.61
CA ASN B 126 -1.59 18.91 -2.56
C ASN B 126 -2.08 19.83 -1.47
N LYS B 127 -2.79 20.89 -1.90
CA LYS B 127 -3.36 21.83 -0.93
CA LYS B 127 -3.34 21.84 -0.94
C LYS B 127 -4.34 21.16 0.03
N GLU B 128 -5.21 20.33 -0.52
CA GLU B 128 -6.25 19.58 0.24
C GLU B 128 -5.59 18.57 1.11
N LEU B 129 -4.59 17.86 0.59
CA LEU B 129 -3.88 16.92 1.52
C LEU B 129 -3.19 17.60 2.66
N LYS B 130 -2.53 18.74 2.37
CA LYS B 130 -1.93 19.39 3.52
C LYS B 130 -2.95 19.93 4.59
N LYS B 131 -4.09 20.38 4.06
CA LYS B 131 -5.17 20.83 4.95
C LYS B 131 -5.56 19.69 5.87
N ILE B 132 -5.79 18.52 5.25
CA ILE B 132 -6.21 17.36 6.09
C ILE B 132 -5.13 16.98 7.05
N ILE B 133 -3.82 16.93 6.58
CA ILE B 133 -2.77 16.63 7.51
C ILE B 133 -2.77 17.55 8.71
N GLY B 134 -3.02 18.87 8.44
CA GLY B 134 -3.07 19.80 9.61
C GLY B 134 -4.20 19.50 10.55
N GLN B 135 -5.32 19.02 10.02
CA GLN B 135 -6.49 18.73 10.85
C GLN B 135 -6.21 17.49 11.71
N VAL B 136 -5.38 16.54 11.23
CA VAL B 136 -5.16 15.36 12.08
C VAL B 136 -3.84 15.33 12.78
N ARG B 137 -3.02 16.36 12.54
CA ARG B 137 -1.63 16.23 12.90
C ARG B 137 -1.46 16.00 14.39
N ASP B 138 -2.29 16.63 15.23
N ASP B 138 -2.30 16.64 15.21
CA ASP B 138 -2.16 16.41 16.68
CA ASP B 138 -2.21 16.47 16.66
C ASP B 138 -2.61 15.04 17.19
C ASP B 138 -2.63 15.08 17.19
N GLN B 139 -3.21 14.24 16.34
CA GLN B 139 -3.57 12.88 16.74
C GLN B 139 -2.43 11.88 16.48
N ALA B 140 -1.36 12.35 15.83
CA ALA B 140 -0.24 11.48 15.42
C ALA B 140 1.08 11.96 16.05
N GLU B 141 1.86 11.03 16.57
CA GLU B 141 3.23 11.41 16.88
C GLU B 141 4.06 11.72 15.66
N HIS B 142 3.99 10.88 14.64
N HIS B 142 4.04 10.86 14.65
CA HIS B 142 4.90 11.03 13.45
CA HIS B 142 4.92 11.03 13.47
C HIS B 142 4.12 11.58 12.27
C HIS B 142 4.15 11.57 12.29
N LEU B 143 4.81 12.39 11.47
CA LEU B 143 4.12 12.91 10.26
C LEU B 143 3.63 11.75 9.42
N LYS B 144 4.44 10.65 9.32
CA LYS B 144 3.96 9.64 8.38
C LYS B 144 2.60 9.07 8.76
N THR B 145 2.30 9.00 10.05
CA THR B 145 0.92 8.60 10.46
C THR B 145 -0.18 9.59 10.01
N ALA B 146 0.10 10.90 10.17
CA ALA B 146 -0.84 11.91 9.70
C ALA B 146 -1.04 11.83 8.17
N VAL B 147 0.05 11.52 7.42
CA VAL B 147 -0.13 11.44 5.98
C VAL B 147 -0.95 10.20 5.69
N GLN B 148 -0.78 9.10 6.42
CA GLN B 148 -1.67 7.98 6.07
C GLN B 148 -3.14 8.20 6.48
N MET B 149 -3.33 9.03 7.53
CA MET B 149 -4.70 9.40 7.89
C MET B 149 -5.31 10.23 6.79
N ALA B 150 -4.47 11.12 6.22
CA ALA B 150 -4.97 11.93 5.09
C ALA B 150 -5.28 11.12 3.85
N VAL B 151 -4.44 10.11 3.57
CA VAL B 151 -4.69 9.20 2.47
C VAL B 151 -6.05 8.53 2.72
N PHE B 152 -6.26 8.00 3.94
CA PHE B 152 -7.49 7.34 4.23
C PHE B 152 -8.70 8.28 4.01
N ILE B 153 -8.59 9.49 4.57
CA ILE B 153 -9.77 10.40 4.40
C ILE B 153 -9.97 10.77 2.97
N HIS B 154 -8.90 11.01 2.24
CA HIS B 154 -9.05 11.33 0.81
C HIS B 154 -9.70 10.23 0.00
N ASN B 155 -9.31 8.94 0.27
CA ASN B 155 -9.79 7.84 -0.57
C ASN B 155 -11.17 7.41 -0.18
N HIS B 156 -11.60 7.73 1.05
CA HIS B 156 -12.96 7.31 1.50
C HIS B 156 -14.00 8.42 1.23
N LYS B 157 -13.57 9.63 0.89
CA LYS B 157 -14.58 10.76 0.81
C LYS B 157 -15.53 10.58 -0.39
N ARG B 158 -16.89 10.69 -0.15
CA ARG B 158 -17.78 10.57 -1.31
C ARG B 158 -18.06 11.93 -2.01
N LYS B 159 -18.03 11.93 -3.34
CA LYS B 159 -18.07 13.11 -4.18
C LYS B 159 -19.41 13.16 -4.87
N GLY B 164 -23.14 9.19 -5.11
CA GLY B 164 -21.78 9.76 -5.07
C GLY B 164 -20.76 8.75 -4.52
N TYR B 165 -19.78 8.40 -5.38
CA TYR B 165 -18.86 7.31 -5.02
C TYR B 165 -17.54 7.92 -4.52
N SER B 166 -16.77 7.15 -3.77
CA SER B 166 -15.45 7.66 -3.29
C SER B 166 -14.39 7.22 -4.31
N ALA B 167 -13.17 7.79 -4.17
CA ALA B 167 -12.13 7.43 -5.11
C ALA B 167 -11.78 5.94 -4.93
N GLY B 168 -11.86 5.41 -3.72
CA GLY B 168 -11.55 3.97 -3.50
C GLY B 168 -12.61 3.08 -4.19
N GLU B 169 -13.88 3.58 -4.17
CA GLU B 169 -14.88 2.86 -4.99
C GLU B 169 -14.62 2.94 -6.47
N ARG B 170 -14.25 4.11 -6.95
CA ARG B 170 -14.13 4.35 -8.38
C ARG B 170 -12.95 3.51 -8.90
N ILE B 171 -11.82 3.43 -8.15
CA ILE B 171 -10.69 2.67 -8.75
C ILE B 171 -11.03 1.17 -8.84
N VAL B 172 -11.69 0.60 -7.82
CA VAL B 172 -12.12 -0.82 -7.88
C VAL B 172 -13.06 -1.03 -9.05
N ASP B 173 -14.01 -0.13 -9.21
CA ASP B 173 -15.02 -0.26 -10.33
CA ASP B 173 -14.98 -0.33 -10.31
C ASP B 173 -14.34 -0.21 -11.67
N ILE B 174 -13.43 0.72 -11.79
CA ILE B 174 -12.72 0.84 -13.04
C ILE B 174 -11.87 -0.36 -13.38
N ILE B 175 -11.12 -0.85 -12.41
N ILE B 175 -11.10 -0.84 -12.42
CA ILE B 175 -10.29 -2.02 -12.67
CA ILE B 175 -10.28 -2.01 -12.64
C ILE B 175 -11.13 -3.27 -12.89
C ILE B 175 -11.11 -3.26 -12.88
N ALA B 176 -12.22 -3.39 -12.15
CA ALA B 176 -13.05 -4.64 -12.28
C ALA B 176 -13.69 -4.63 -13.68
N THR B 177 -14.07 -3.45 -14.14
CA THR B 177 -14.67 -3.35 -15.48
C THR B 177 -13.67 -3.73 -16.55
N ASP B 178 -12.41 -3.32 -16.37
CA ASP B 178 -11.35 -3.71 -17.25
C ASP B 178 -11.14 -5.22 -17.26
N ILE B 179 -11.14 -5.86 -16.09
CA ILE B 179 -10.92 -7.30 -16.01
C ILE B 179 -12.03 -8.04 -16.80
N GLN B 180 -13.27 -7.57 -16.74
CA GLN B 180 -14.43 -8.32 -17.32
C GLN B 180 -14.66 -8.03 -18.83
N ALA C 1 2.03 7.84 24.34
CA ALA C 1 2.10 9.31 24.18
C ALA C 1 0.69 9.87 23.86
N LEU C 2 -0.36 9.08 24.08
CA LEU C 2 -1.77 9.32 23.72
C LEU C 2 -1.90 9.79 22.27
N LYS C 3 -1.17 9.14 21.36
CA LYS C 3 -1.32 9.38 19.92
C LYS C 3 -1.79 8.05 19.31
N ILE C 4 -2.44 8.13 18.13
CA ILE C 4 -2.99 6.92 17.54
C ILE C 4 -1.88 5.94 17.21
N ASP C 5 -0.72 6.51 16.87
CA ASP C 5 0.41 5.70 16.52
C ASP C 5 1.31 5.42 17.72
N ASN C 6 0.97 5.84 18.93
CA ASN C 6 1.79 5.61 20.17
C ASN C 6 0.97 6.01 21.34
N MET C 7 0.19 5.05 21.83
CA MET C 7 -0.77 5.42 22.86
C MET C 7 -0.06 5.65 24.18
N ASP C 8 1.22 5.26 24.31
CA ASP C 8 1.91 5.67 25.56
C ASP C 8 2.03 7.22 25.53
N ALA D 1 24.74 0.08 -7.36
CA ALA D 1 25.22 -1.21 -6.83
C ALA D 1 24.72 -2.34 -7.75
N LEU D 2 24.23 -2.00 -8.93
CA LEU D 2 23.57 -2.87 -9.93
C LEU D 2 22.45 -3.73 -9.28
N LYS D 3 21.66 -3.13 -8.37
CA LYS D 3 20.49 -3.74 -7.78
C LYS D 3 19.27 -2.90 -8.24
N ILE D 4 18.10 -3.56 -8.31
CA ILE D 4 16.91 -2.84 -8.78
C ILE D 4 16.58 -1.62 -7.91
N ASP D 5 16.87 -1.72 -6.62
CA ASP D 5 16.60 -0.62 -5.72
C ASP D 5 17.83 0.29 -5.53
N ASN D 6 18.92 0.04 -6.28
CA ASN D 6 20.16 0.89 -6.21
C ASN D 6 21.06 0.52 -7.34
N MET D 7 20.83 1.22 -8.48
CA MET D 7 21.58 0.78 -9.67
C MET D 7 23.05 1.17 -9.59
N ASP D 8 23.41 2.08 -8.68
CA ASP D 8 24.86 2.29 -8.50
C ASP D 8 25.50 0.96 -8.03
#